data_5AZ1
#
_entry.id   5AZ1
#
_cell.length_a   111.952
_cell.length_b   111.952
_cell.length_c   147.651
_cell.angle_alpha   90.00
_cell.angle_beta   90.00
_cell.angle_gamma   120.00
#
_symmetry.space_group_name_H-M   'P 61 2 2'
#
loop_
_entity.id
_entity.type
_entity.pdbx_description
1 polymer 'Uncharacterized protein'
2 non-polymer 'CALCIUM ION'
3 non-polymer 1,2-ETHANEDIOL
4 non-polymer 'ACETATE ION'
5 non-polymer 'NADPH DIHYDRO-NICOTINAMIDE-ADENINE-DINUCLEOTIDE PHOSPHATE'
6 water water
#
_entity_poly.entity_id   1
_entity_poly.type   'polypeptide(L)'
_entity_poly.pdbx_seq_one_letter_code
;MNKVNVPNFKLNNGDEIPALGYGTWLGVSEKSSGADQPAEEFGFDFDGTDIPKLLDALSYAIDIGYRHIDTAHFYRVEPE
IGQVVQEKINEGVVRREDLFITTKVWQHYHRAADVEVSLRASLHRLGLDHVNLVLMHWPMSISQEGVDEKIDYLETWRGF
EEVLKKGLTKAIGVSNFNIEQMKRLLTNCNVPPAVNQIEVNLNLSQADLVDYCQANEVVVVAYSPFGTMVPSRATLNSPE
PKLDNPAMLAIGRKYGKTVTQVNLGYLYQRGIVSIPKTVTKSRVLENASIFDFQLDDEDVATLAQFDNGFRTVRPLFWQP
YENYPFDVVPGQKHVDIPIAMRKWKNGANGDID
;
_entity_poly.pdbx_strand_id   A
#
loop_
_chem_comp.id
_chem_comp.type
_chem_comp.name
_chem_comp.formula
ACT non-polymer 'ACETATE ION' 'C2 H3 O2 -1'
CA non-polymer 'CALCIUM ION' 'Ca 2'
EDO non-polymer 1,2-ETHANEDIOL 'C2 H6 O2'
NDP non-polymer 'NADPH DIHYDRO-NICOTINAMIDE-ADENINE-DINUCLEOTIDE PHOSPHATE' 'C21 H30 N7 O17 P3'
#
# COMPACT_ATOMS: atom_id res chain seq x y z
N LYS A 3 6.39 0.16 23.02
CA LYS A 3 5.32 1.19 23.30
C LYS A 3 3.96 0.95 22.55
N VAL A 4 3.98 0.69 21.24
CA VAL A 4 2.79 0.16 20.53
C VAL A 4 2.96 -1.31 20.19
N ASN A 5 1.92 -2.10 20.27
CA ASN A 5 2.06 -3.49 19.92
C ASN A 5 1.24 -3.81 18.63
N VAL A 6 1.91 -3.87 17.49
CA VAL A 6 1.26 -4.14 16.24
C VAL A 6 1.11 -5.63 15.98
N PRO A 7 -0.12 -6.15 15.96
CA PRO A 7 -0.25 -7.58 15.60
C PRO A 7 0.10 -7.85 14.10
N ASN A 8 0.33 -9.11 13.80
CA ASN A 8 0.65 -9.58 12.47
C ASN A 8 -0.43 -10.47 11.87
N PHE A 9 -0.69 -10.31 10.58
CA PHE A 9 -1.43 -11.30 9.77
C PHE A 9 -0.45 -12.29 9.12
N LYS A 10 -0.94 -13.47 8.77
CA LYS A 10 -0.12 -14.52 8.20
C LYS A 10 -0.32 -14.54 6.66
N LEU A 11 0.74 -14.59 5.90
CA LEU A 11 0.66 -14.65 4.45
C LEU A 11 0.58 -16.11 3.97
N ASN A 12 0.14 -16.30 2.75
CA ASN A 12 0.06 -17.65 2.15
C ASN A 12 1.38 -18.30 1.80
N ASN A 13 2.51 -17.69 2.19
CA ASN A 13 3.85 -18.23 2.01
C ASN A 13 4.57 -18.56 3.34
N GLY A 14 3.83 -18.49 4.44
CA GLY A 14 4.43 -18.79 5.76
C GLY A 14 4.97 -17.60 6.58
N ASP A 15 5.01 -16.40 6.00
CA ASP A 15 5.59 -15.23 6.67
C ASP A 15 4.49 -14.38 7.29
N GLU A 16 4.89 -13.53 8.18
CA GLU A 16 4.01 -12.57 8.84
C GLU A 16 4.12 -11.21 8.26
N ILE A 17 3.02 -10.50 8.26
CA ILE A 17 3.00 -9.14 7.87
C ILE A 17 2.31 -8.31 8.97
N PRO A 18 2.97 -7.28 9.48
CA PRO A 18 2.30 -6.45 10.50
C PRO A 18 1.08 -5.74 9.94
N ALA A 19 0.04 -5.72 10.77
CA ALA A 19 -1.28 -5.27 10.39
C ALA A 19 -1.36 -3.81 10.12
N LEU A 20 -0.34 -3.05 10.53
CA LEU A 20 -0.22 -1.62 10.19
C LEU A 20 1.18 -1.33 9.71
N GLY A 21 1.28 -0.51 8.70
CA GLY A 21 2.55 -0.12 8.15
C GLY A 21 2.64 1.37 7.89
N TYR A 22 3.88 1.82 7.66
CA TYR A 22 4.23 3.23 7.51
C TYR A 22 4.37 3.59 6.05
N GLY A 23 3.46 4.38 5.53
CA GLY A 23 3.53 4.81 4.13
C GLY A 23 4.57 5.90 3.83
N THR A 24 5.12 5.90 2.61
CA THR A 24 6.23 6.75 2.30
C THR A 24 6.06 7.57 1.04
N TRP A 25 4.85 7.63 0.50
CA TRP A 25 4.60 8.45 -0.70
C TRP A 25 4.23 9.89 -0.29
N LEU A 26 4.93 10.87 -0.86
CA LEU A 26 4.74 12.28 -0.47
C LEU A 26 3.82 13.09 -1.38
N GLY A 27 3.58 12.62 -2.58
CA GLY A 27 2.51 13.15 -3.39
C GLY A 27 3.00 13.92 -4.60
N VAL A 28 2.10 13.98 -5.59
CA VAL A 28 2.25 14.87 -6.73
C VAL A 28 1.27 16.00 -6.37
N SER A 29 1.65 16.77 -5.34
CA SER A 29 0.82 17.85 -4.77
C SER A 29 1.70 19.05 -4.41
N ASP A 45 5.01 17.45 -10.85
CA ASP A 45 5.36 18.14 -9.61
C ASP A 45 5.29 17.23 -8.33
N PHE A 46 6.21 16.23 -8.22
CA PHE A 46 6.38 15.38 -6.97
C PHE A 46 6.88 16.28 -5.87
N ASP A 47 6.40 16.11 -4.64
CA ASP A 47 6.75 17.06 -3.61
C ASP A 47 7.73 16.57 -2.58
N GLY A 48 9.00 16.96 -2.75
CA GLY A 48 10.09 16.60 -1.84
C GLY A 48 10.21 17.36 -0.54
N THR A 49 9.39 18.38 -0.33
CA THR A 49 9.58 19.29 0.81
C THR A 49 9.63 18.60 2.18
N ASP A 50 8.73 17.64 2.37
CA ASP A 50 8.57 16.98 3.68
C ASP A 50 9.44 15.73 3.91
N ILE A 51 10.41 15.47 3.03
CA ILE A 51 11.29 14.34 3.24
C ILE A 51 11.87 14.29 4.64
N PRO A 52 12.40 15.43 5.14
CA PRO A 52 13.02 15.32 6.49
C PRO A 52 12.05 14.94 7.56
N LYS A 53 10.83 15.44 7.43
CA LYS A 53 9.77 15.15 8.43
C LYS A 53 9.34 13.66 8.35
N LEU A 54 9.25 13.13 7.12
CA LEU A 54 8.99 11.71 6.87
C LEU A 54 10.02 10.82 7.55
N LEU A 55 11.29 11.23 7.44
CA LEU A 55 12.40 10.43 7.98
C LEU A 55 12.45 10.46 9.45
N ASP A 56 12.24 11.63 10.01
CA ASP A 56 12.23 11.81 11.46
C ASP A 56 10.99 11.14 12.03
N ALA A 57 9.82 11.31 11.39
CA ALA A 57 8.65 10.51 11.87
C ALA A 57 8.86 8.96 11.69
N LEU A 58 9.67 8.55 10.68
CA LEU A 58 9.97 7.11 10.51
C LEU A 58 10.80 6.56 11.64
N SER A 59 11.83 7.33 11.95
CA SER A 59 12.72 6.96 13.03
C SER A 59 11.94 6.84 14.30
N TYR A 60 11.08 7.82 14.56
CA TYR A 60 10.19 7.72 15.75
C TYR A 60 9.27 6.49 15.68
N ALA A 61 8.68 6.27 14.48
CA ALA A 61 7.79 5.05 14.31
C ALA A 61 8.51 3.80 14.71
N ILE A 62 9.75 3.66 14.22
CA ILE A 62 10.52 2.46 14.60
C ILE A 62 10.79 2.41 16.10
N ASP A 63 11.17 3.55 16.69
CA ASP A 63 11.40 3.60 18.17
C ASP A 63 10.17 3.13 18.93
N ILE A 64 8.98 3.57 18.55
CA ILE A 64 7.79 3.09 19.35
C ILE A 64 7.27 1.70 19.05
N GLY A 65 7.71 1.06 17.95
CA GLY A 65 7.29 -0.32 17.62
C GLY A 65 6.72 -0.61 16.24
N TYR A 66 6.70 0.34 15.33
CA TYR A 66 6.43 0.05 13.93
C TYR A 66 7.60 -0.76 13.34
N ARG A 67 7.24 -1.78 12.59
CA ARG A 67 8.15 -2.59 11.84
C ARG A 67 7.92 -2.66 10.31
N HIS A 68 6.73 -2.26 9.86
CA HIS A 68 6.33 -2.47 8.45
C HIS A 68 6.46 -1.12 7.79
N ILE A 69 7.21 -1.10 6.69
CA ILE A 69 7.43 0.10 5.93
C ILE A 69 7.08 -0.11 4.46
N ASP A 70 6.24 0.74 3.89
CA ASP A 70 5.78 0.46 2.51
C ASP A 70 6.43 1.48 1.68
N THR A 71 7.18 1.06 0.66
CA THR A 71 7.72 2.07 -0.23
C THR A 71 7.73 1.56 -1.65
N ALA A 72 8.37 2.29 -2.55
CA ALA A 72 8.34 1.94 -3.98
C ALA A 72 9.43 2.70 -4.72
N HIS A 73 9.93 2.14 -5.81
CA HIS A 73 10.75 2.87 -6.76
C HIS A 73 10.17 4.25 -7.08
N PHE A 74 8.89 4.26 -7.42
CA PHE A 74 8.21 5.48 -7.80
C PHE A 74 8.22 6.52 -6.71
N TYR A 75 8.44 6.16 -5.45
CA TYR A 75 8.31 7.18 -4.40
C TYR A 75 9.56 8.03 -4.19
N ARG A 76 10.63 7.74 -4.90
CA ARG A 76 11.83 8.55 -4.92
C ARG A 76 12.68 8.45 -3.69
N VAL A 77 12.17 7.99 -2.56
CA VAL A 77 12.86 8.12 -1.30
C VAL A 77 13.50 6.82 -0.77
N GLU A 78 13.70 5.80 -1.62
CA GLU A 78 14.29 4.52 -1.13
C GLU A 78 15.65 4.74 -0.49
N PRO A 79 16.51 5.59 -1.16
CA PRO A 79 17.85 5.83 -0.49
C PRO A 79 17.71 6.39 0.89
N GLU A 80 16.82 7.35 1.08
CA GLU A 80 16.67 7.93 2.44
C GLU A 80 16.07 6.95 3.45
N ILE A 81 15.13 6.10 3.01
CA ILE A 81 14.54 5.10 3.91
C ILE A 81 15.61 4.10 4.32
N GLY A 82 16.40 3.67 3.38
CA GLY A 82 17.41 2.67 3.74
C GLY A 82 18.46 3.16 4.73
N GLN A 83 18.73 4.46 4.67
CA GLN A 83 19.65 5.10 5.60
C GLN A 83 19.07 5.10 7.01
N VAL A 84 17.82 5.54 7.14
CA VAL A 84 17.09 5.46 8.41
C VAL A 84 17.10 4.05 8.96
N VAL A 85 16.81 3.08 8.10
CA VAL A 85 16.80 1.68 8.54
C VAL A 85 18.15 1.24 9.09
N GLN A 86 19.19 1.61 8.35
CA GLN A 86 20.53 1.23 8.76
C GLN A 86 20.89 1.92 10.12
N GLU A 87 20.47 3.16 10.32
CA GLU A 87 20.71 3.85 11.58
C GLU A 87 19.99 3.16 12.73
N LYS A 88 18.73 2.78 12.51
CA LYS A 88 18.00 2.15 13.58
C LYS A 88 18.60 0.82 13.94
N ILE A 89 19.09 0.10 12.94
CA ILE A 89 19.83 -1.15 13.21
C ILE A 89 21.16 -0.86 13.96
N ASN A 90 21.86 0.23 13.59
CA ASN A 90 23.12 0.60 14.24
C ASN A 90 22.88 0.96 15.69
N GLU A 91 21.83 1.73 15.97
CA GLU A 91 21.46 2.07 17.32
C GLU A 91 20.98 0.89 18.17
N GLY A 92 20.76 -0.29 17.58
CA GLY A 92 20.26 -1.44 18.34
C GLY A 92 18.75 -1.48 18.62
N VAL A 93 17.99 -0.56 18.04
CA VAL A 93 16.53 -0.54 18.19
C VAL A 93 15.85 -1.72 17.53
N VAL A 94 16.29 -2.08 16.33
CA VAL A 94 15.88 -3.31 15.65
C VAL A 94 17.01 -4.08 15.00
N ARG A 95 16.73 -5.33 14.69
CA ARG A 95 17.49 -6.11 13.70
C ARG A 95 16.71 -6.12 12.35
N ARG A 96 17.45 -6.39 11.27
CA ARG A 96 16.88 -6.47 9.93
C ARG A 96 15.67 -7.36 9.94
N GLU A 97 15.81 -8.55 10.56
CA GLU A 97 14.83 -9.61 10.60
C GLU A 97 13.54 -9.15 11.32
N ASP A 98 13.59 -8.08 12.11
CA ASP A 98 12.38 -7.62 12.75
C ASP A 98 11.53 -6.77 11.82
N LEU A 99 12.13 -6.29 10.73
CA LEU A 99 11.44 -5.30 9.90
C LEU A 99 10.75 -6.00 8.71
N PHE A 100 9.62 -5.46 8.26
CA PHE A 100 8.94 -5.90 7.07
C PHE A 100 8.98 -4.74 6.10
N ILE A 101 9.76 -4.88 5.02
CA ILE A 101 9.94 -3.80 4.05
C ILE A 101 9.46 -4.17 2.70
N THR A 102 8.59 -3.32 2.16
CA THR A 102 8.00 -3.55 0.84
C THR A 102 8.48 -2.53 -0.17
N THR A 103 8.78 -2.96 -1.39
CA THR A 103 8.93 -2.02 -2.46
C THR A 103 8.15 -2.54 -3.70
N LYS A 104 8.24 -1.84 -4.82
CA LYS A 104 7.35 -2.03 -5.92
C LYS A 104 7.99 -1.65 -7.24
N VAL A 105 7.60 -2.37 -8.28
CA VAL A 105 8.15 -2.26 -9.62
C VAL A 105 7.10 -1.52 -10.44
N TRP A 106 7.54 -0.48 -11.14
CA TRP A 106 6.67 0.38 -11.90
C TRP A 106 6.41 -0.14 -13.30
N GLN A 107 5.60 0.64 -14.05
CA GLN A 107 4.96 0.19 -15.32
C GLN A 107 5.88 0.05 -16.47
N HIS A 108 7.09 0.63 -16.37
CA HIS A 108 8.06 0.41 -17.47
C HIS A 108 8.97 -0.72 -17.30
N TYR A 109 8.78 -1.48 -16.23
CA TYR A 109 9.65 -2.67 -16.04
C TYR A 109 8.79 -3.94 -16.00
N HIS A 110 7.88 -4.11 -16.98
CA HIS A 110 6.94 -5.27 -17.00
C HIS A 110 7.39 -6.44 -17.81
N ARG A 111 8.48 -6.32 -18.52
CA ARG A 111 9.02 -7.56 -19.11
C ARG A 111 9.58 -8.40 -17.99
N ALA A 112 9.46 -9.70 -18.11
CA ALA A 112 9.94 -10.62 -17.13
C ALA A 112 11.36 -10.30 -16.61
N ALA A 113 12.30 -10.11 -17.53
CA ALA A 113 13.72 -9.84 -17.16
C ALA A 113 13.88 -8.54 -16.52
N ASP A 114 12.96 -7.61 -16.73
CA ASP A 114 13.15 -6.34 -16.09
C ASP A 114 12.81 -6.27 -14.62
N VAL A 115 12.07 -7.24 -14.09
CA VAL A 115 11.65 -7.19 -12.67
C VAL A 115 12.93 -7.26 -11.83
N GLU A 116 13.83 -8.14 -12.18
CA GLU A 116 15.14 -8.34 -11.51
C GLU A 116 15.97 -7.03 -11.51
N VAL A 117 15.95 -6.32 -12.64
CA VAL A 117 16.73 -5.07 -12.77
C VAL A 117 16.06 -4.06 -11.86
N SER A 118 14.73 -3.88 -11.98
CA SER A 118 14.09 -2.86 -11.18
C SER A 118 14.33 -3.14 -9.66
N LEU A 119 14.19 -4.42 -9.24
CA LEU A 119 14.22 -4.75 -7.84
C LEU A 119 15.66 -4.69 -7.31
N ARG A 120 16.63 -5.29 -8.02
CA ARG A 120 18.05 -5.11 -7.60
C ARG A 120 18.46 -3.64 -7.38
N ALA A 121 18.02 -2.76 -8.28
CA ALA A 121 18.26 -1.33 -8.10
C ALA A 121 17.57 -0.79 -6.86
N SER A 122 16.29 -1.12 -6.69
CA SER A 122 15.62 -0.69 -5.45
C SER A 122 16.37 -1.23 -4.24
N LEU A 123 16.85 -2.47 -4.31
CA LEU A 123 17.56 -3.06 -3.20
C LEU A 123 18.92 -2.31 -2.89
N HIS A 124 19.65 -1.96 -3.95
CA HIS A 124 20.83 -1.10 -3.81
C HIS A 124 20.42 0.24 -3.18
N ARG A 125 19.38 0.89 -3.64
CA ARG A 125 18.99 2.14 -2.99
C ARG A 125 18.74 1.98 -1.49
N LEU A 126 18.00 0.93 -1.15
CA LEU A 126 17.58 0.67 0.22
C LEU A 126 18.69 0.11 1.11
N GLY A 127 19.75 -0.38 0.47
CA GLY A 127 20.90 -0.95 1.16
C GLY A 127 20.61 -2.32 1.72
N LEU A 128 19.86 -3.18 0.99
CA LEU A 128 19.40 -4.46 1.54
C LEU A 128 19.80 -5.61 0.66
N ASP A 129 19.98 -6.76 1.27
CA ASP A 129 20.10 -8.03 0.57
CA ASP A 129 20.12 -7.98 0.50
C ASP A 129 18.75 -8.40 -0.09
N HIS A 130 17.65 -8.16 0.63
CA HIS A 130 16.30 -8.56 0.19
C HIS A 130 15.28 -7.65 0.82
N VAL A 131 14.14 -7.51 0.15
CA VAL A 131 12.93 -7.01 0.79
C VAL A 131 12.08 -8.20 1.30
N ASN A 132 11.11 -7.87 2.12
CA ASN A 132 10.14 -8.84 2.63
C ASN A 132 9.04 -9.08 1.60
N LEU A 133 8.77 -8.06 0.80
CA LEU A 133 7.68 -8.12 -0.16
C LEU A 133 7.99 -7.19 -1.32
N VAL A 134 7.78 -7.65 -2.55
CA VAL A 134 7.83 -6.77 -3.71
C VAL A 134 6.53 -6.94 -4.53
N LEU A 135 5.95 -5.82 -4.92
CA LEU A 135 4.69 -5.75 -5.66
C LEU A 135 4.82 -5.26 -7.11
N MET A 136 3.98 -5.82 -7.94
CA MET A 136 3.64 -5.25 -9.22
C MET A 136 2.75 -4.05 -8.98
N HIS A 137 3.33 -2.86 -9.15
CA HIS A 137 2.70 -1.61 -8.70
C HIS A 137 1.35 -1.39 -9.37
N TRP A 138 1.28 -1.64 -10.67
CA TRP A 138 0.01 -1.60 -11.42
C TRP A 138 0.05 -2.66 -12.44
N PRO A 139 -1.14 -3.11 -12.93
CA PRO A 139 -1.18 -4.18 -13.91
C PRO A 139 -0.86 -3.72 -15.38
N MET A 140 -0.84 -2.43 -15.61
CA MET A 140 -0.52 -1.89 -16.95
C MET A 140 0.98 -1.93 -17.22
N SER A 141 1.31 -2.20 -18.48
CA SER A 141 2.64 -2.11 -18.99
C SER A 141 2.75 -0.89 -19.93
N ILE A 142 3.43 0.15 -19.46
CA ILE A 142 3.56 1.44 -20.11
C ILE A 142 5.03 1.94 -20.15
N SER A 143 5.50 2.23 -21.37
CA SER A 143 6.85 2.82 -21.55
C SER A 143 6.94 4.14 -20.85
N GLN A 144 8.18 4.57 -20.70
CA GLN A 144 8.48 5.87 -20.11
C GLN A 144 7.94 7.02 -20.99
N GLU A 145 7.69 6.75 -22.28
CA GLU A 145 7.07 7.78 -23.15
C GLU A 145 5.54 7.63 -23.31
N GLY A 146 4.90 6.78 -22.52
CA GLY A 146 3.45 6.62 -22.58
C GLY A 146 3.01 5.62 -23.60
N VAL A 147 3.90 4.84 -24.20
CA VAL A 147 3.44 3.80 -25.10
C VAL A 147 2.91 2.59 -24.31
N ASP A 148 1.76 2.08 -24.74
CA ASP A 148 1.21 0.90 -24.21
C ASP A 148 1.95 -0.25 -24.80
N GLU A 149 2.68 -0.98 -23.95
CA GLU A 149 3.55 -2.10 -24.41
C GLU A 149 2.82 -3.36 -24.47
N LYS A 150 1.59 -3.35 -23.95
CA LYS A 150 0.64 -4.47 -24.06
C LYS A 150 1.24 -5.76 -23.62
N ILE A 151 1.99 -5.73 -22.53
CA ILE A 151 2.57 -6.96 -21.97
C ILE A 151 1.55 -7.53 -20.98
N ASP A 152 1.31 -8.81 -21.08
CA ASP A 152 0.40 -9.46 -20.15
C ASP A 152 1.06 -9.49 -18.72
N TYR A 153 0.30 -9.17 -17.68
CA TYR A 153 0.79 -9.24 -16.30
C TYR A 153 1.20 -10.67 -15.94
N LEU A 154 0.68 -11.68 -16.63
CA LEU A 154 1.20 -13.01 -16.43
C LEU A 154 2.68 -13.13 -16.80
N GLU A 155 3.13 -12.38 -17.84
CA GLU A 155 4.51 -12.46 -18.24
CA GLU A 155 4.56 -12.42 -18.25
C GLU A 155 5.30 -11.74 -17.13
N THR A 156 4.83 -10.59 -16.70
CA THR A 156 5.52 -9.90 -15.66
C THR A 156 5.71 -10.79 -14.38
N TRP A 157 4.67 -11.53 -14.06
CA TRP A 157 4.63 -12.36 -12.91
C TRP A 157 5.66 -13.44 -12.99
N ARG A 158 6.04 -13.89 -14.19
CA ARG A 158 7.15 -14.84 -14.28
C ARG A 158 8.45 -14.26 -13.72
N GLY A 159 8.66 -12.98 -13.96
CA GLY A 159 9.79 -12.29 -13.36
C GLY A 159 9.73 -12.15 -11.84
N PHE A 160 8.54 -11.85 -11.29
CA PHE A 160 8.34 -11.88 -9.79
C PHE A 160 8.71 -13.27 -9.28
N GLU A 161 8.30 -14.32 -9.97
CA GLU A 161 8.59 -15.68 -9.55
C GLU A 161 10.08 -15.98 -9.61
N GLU A 162 10.75 -15.36 -10.61
CA GLU A 162 12.23 -15.45 -10.76
CA GLU A 162 12.19 -15.51 -10.76
C GLU A 162 12.97 -14.74 -9.63
N VAL A 163 12.55 -13.54 -9.28
CA VAL A 163 13.31 -12.79 -8.25
C VAL A 163 13.08 -13.43 -6.84
N LEU A 164 11.93 -14.10 -6.68
CA LEU A 164 11.63 -14.90 -5.50
C LEU A 164 12.56 -16.06 -5.37
N LYS A 165 12.71 -16.82 -6.43
CA LYS A 165 13.64 -17.93 -6.44
C LYS A 165 15.11 -17.50 -6.24
N LYS A 166 15.45 -16.30 -6.66
CA LYS A 166 16.79 -15.74 -6.43
C LYS A 166 16.99 -15.15 -5.05
N GLY A 167 15.95 -15.04 -4.23
CA GLY A 167 16.15 -14.65 -2.81
C GLY A 167 16.22 -13.14 -2.69
N LEU A 168 15.76 -12.42 -3.73
CA LEU A 168 15.79 -10.97 -3.70
C LEU A 168 14.62 -10.40 -2.88
N THR A 169 13.63 -11.26 -2.65
CA THR A 169 12.45 -10.93 -1.88
C THR A 169 12.01 -12.20 -1.17
N LYS A 170 11.37 -12.04 -0.03
CA LYS A 170 10.78 -13.16 0.73
C LYS A 170 9.31 -13.38 0.30
N ALA A 171 8.75 -12.47 -0.49
CA ALA A 171 7.39 -12.59 -0.95
C ALA A 171 7.12 -11.73 -2.15
N ILE A 172 6.15 -12.19 -2.96
CA ILE A 172 5.71 -11.43 -4.18
C ILE A 172 4.24 -11.24 -4.08
N GLY A 173 3.80 -10.07 -4.60
CA GLY A 173 2.44 -9.64 -4.56
C GLY A 173 2.12 -8.70 -5.68
N VAL A 174 0.88 -8.15 -5.65
CA VAL A 174 0.39 -7.25 -6.69
C VAL A 174 -0.30 -6.08 -6.03
N SER A 175 -0.56 -5.07 -6.80
CA SER A 175 -1.29 -3.92 -6.34
C SER A 175 -2.20 -3.42 -7.46
N ASN A 176 -3.36 -2.91 -7.09
CA ASN A 176 -4.39 -2.47 -8.00
C ASN A 176 -4.89 -3.49 -9.01
N PHE A 177 -4.93 -4.75 -8.60
CA PHE A 177 -5.50 -5.80 -9.41
C PHE A 177 -7.00 -5.87 -9.04
N ASN A 178 -7.84 -5.97 -10.06
CA ASN A 178 -9.28 -6.15 -9.85
C ASN A 178 -9.59 -7.64 -9.73
N ILE A 179 -10.87 -7.96 -9.51
CA ILE A 179 -11.24 -9.33 -9.14
C ILE A 179 -10.97 -10.21 -10.32
N GLU A 180 -11.18 -9.73 -11.55
CA GLU A 180 -10.94 -10.48 -12.77
CA GLU A 180 -10.93 -10.61 -12.69
C GLU A 180 -9.44 -10.77 -12.95
N GLN A 181 -8.63 -9.70 -12.77
CA GLN A 181 -7.16 -9.85 -12.84
C GLN A 181 -6.65 -10.81 -11.76
N MET A 182 -7.18 -10.70 -10.54
CA MET A 182 -6.80 -11.64 -9.48
C MET A 182 -7.10 -13.07 -9.83
N LYS A 183 -8.32 -13.25 -10.34
CA LYS A 183 -8.75 -14.60 -10.71
C LYS A 183 -7.88 -15.23 -11.83
N ARG A 184 -7.64 -14.44 -12.85
CA ARG A 184 -6.79 -14.91 -13.96
C ARG A 184 -5.34 -15.18 -13.45
N LEU A 185 -4.86 -14.26 -12.63
CA LEU A 185 -3.50 -14.50 -12.03
C LEU A 185 -3.46 -15.75 -11.19
N LEU A 186 -4.43 -15.93 -10.30
CA LEU A 186 -4.45 -17.16 -9.43
C LEU A 186 -4.63 -18.48 -10.20
N THR A 187 -5.33 -18.40 -11.32
CA THR A 187 -5.52 -19.57 -12.20
C THR A 187 -4.26 -19.90 -12.96
N ASN A 188 -3.47 -18.92 -13.32
CA ASN A 188 -2.26 -19.17 -14.15
C ASN A 188 -0.85 -19.23 -13.48
N CYS A 189 -0.69 -18.64 -12.30
CA CYS A 189 0.63 -18.54 -11.67
C CYS A 189 1.21 -19.85 -11.21
N ASN A 190 2.51 -19.93 -10.97
CA ASN A 190 3.08 -21.01 -10.20
C ASN A 190 3.16 -20.67 -8.70
N VAL A 191 3.42 -19.42 -8.33
CA VAL A 191 3.45 -19.04 -6.93
C VAL A 191 2.38 -17.96 -6.84
N PRO A 192 1.44 -18.11 -5.89
CA PRO A 192 0.42 -17.10 -5.84
C PRO A 192 0.92 -15.79 -5.20
N PRO A 193 0.29 -14.68 -5.55
CA PRO A 193 0.55 -13.47 -4.85
C PRO A 193 0.22 -13.59 -3.37
N ALA A 194 1.05 -12.96 -2.53
CA ALA A 194 0.87 -12.92 -1.12
C ALA A 194 -0.13 -11.85 -0.73
N VAL A 195 -0.13 -10.72 -1.45
CA VAL A 195 -1.01 -9.65 -1.13
C VAL A 195 -1.53 -9.04 -2.42
N ASN A 196 -2.64 -8.33 -2.26
CA ASN A 196 -3.15 -7.41 -3.25
C ASN A 196 -3.31 -6.13 -2.49
N GLN A 197 -2.47 -5.16 -2.86
CA GLN A 197 -2.53 -3.83 -2.27
C GLN A 197 -3.41 -2.93 -3.10
N ILE A 198 -4.43 -2.37 -2.47
CA ILE A 198 -5.48 -1.60 -3.21
C ILE A 198 -6.04 -0.57 -2.31
N GLU A 199 -6.76 0.39 -2.89
CA GLU A 199 -7.50 1.36 -2.09
C GLU A 199 -8.65 0.74 -1.34
N VAL A 200 -8.66 0.92 -0.03
CA VAL A 200 -9.80 0.56 0.83
C VAL A 200 -9.96 1.61 1.87
N ASN A 201 -11.19 2.08 2.06
CA ASN A 201 -11.53 3.08 3.08
C ASN A 201 -13.08 3.05 3.29
N LEU A 202 -13.63 3.97 4.08
CA LEU A 202 -15.06 3.88 4.44
C LEU A 202 -16.03 4.10 3.23
N ASN A 203 -15.65 4.93 2.27
CA ASN A 203 -16.42 5.13 1.04
C ASN A 203 -16.17 4.12 -0.03
N LEU A 204 -15.00 3.43 0.01
CA LEU A 204 -14.68 2.39 -0.95
C LEU A 204 -14.32 1.09 -0.25
N SER A 205 -15.31 0.31 0.08
CA SER A 205 -15.14 -0.84 0.94
C SER A 205 -14.46 -1.99 0.21
N GLN A 206 -14.64 -2.04 -1.12
CA GLN A 206 -14.27 -3.17 -2.01
C GLN A 206 -14.64 -4.56 -1.50
N ALA A 207 -15.86 -4.69 -1.02
CA ALA A 207 -16.28 -5.93 -0.38
C ALA A 207 -16.06 -7.15 -1.20
N ASP A 208 -16.44 -7.13 -2.44
CA ASP A 208 -16.32 -8.33 -3.29
C ASP A 208 -14.85 -8.70 -3.56
N LEU A 209 -14.05 -7.69 -3.90
CA LEU A 209 -12.58 -7.91 -4.13
C LEU A 209 -11.89 -8.40 -2.83
N VAL A 210 -12.17 -7.73 -1.72
CA VAL A 210 -11.70 -8.18 -0.42
C VAL A 210 -12.09 -9.61 -0.10
N ASP A 211 -13.38 -9.98 -0.24
CA ASP A 211 -13.84 -11.35 0.02
C ASP A 211 -13.16 -12.35 -0.88
N TYR A 212 -13.04 -11.99 -2.15
CA TYR A 212 -12.40 -12.89 -3.10
C TYR A 212 -10.92 -13.12 -2.69
N CYS A 213 -10.24 -12.04 -2.36
CA CYS A 213 -8.81 -12.17 -1.98
C CYS A 213 -8.68 -13.07 -0.76
N GLN A 214 -9.46 -12.78 0.27
CA GLN A 214 -9.39 -13.50 1.54
C GLN A 214 -9.86 -14.92 1.41
N ALA A 215 -10.88 -15.18 0.53
CA ALA A 215 -11.24 -16.60 0.24
C ALA A 215 -10.11 -17.37 -0.39
N ASN A 216 -9.22 -16.70 -1.12
CA ASN A 216 -8.09 -17.34 -1.74
C ASN A 216 -6.78 -17.17 -0.97
N GLU A 217 -6.87 -16.82 0.31
CA GLU A 217 -5.73 -16.63 1.21
C GLU A 217 -4.71 -15.54 0.83
N VAL A 218 -5.15 -14.58 0.02
CA VAL A 218 -4.37 -13.45 -0.34
C VAL A 218 -4.75 -12.38 0.67
N VAL A 219 -3.75 -11.78 1.31
CA VAL A 219 -3.96 -10.69 2.22
C VAL A 219 -4.16 -9.37 1.48
N VAL A 220 -5.12 -8.60 1.98
CA VAL A 220 -5.45 -7.30 1.45
C VAL A 220 -4.73 -6.21 2.27
N VAL A 221 -4.07 -5.30 1.55
CA VAL A 221 -3.37 -4.20 2.19
C VAL A 221 -3.99 -2.93 1.64
N ALA A 222 -4.50 -2.07 2.53
CA ALA A 222 -5.25 -0.91 2.15
C ALA A 222 -4.33 0.28 2.05
N TYR A 223 -4.16 0.85 0.87
CA TYR A 223 -3.67 2.21 0.77
C TYR A 223 -4.77 3.22 0.75
N SER A 224 -4.41 4.51 0.93
CA SER A 224 -5.38 5.61 1.15
C SER A 224 -6.52 5.19 2.09
N PRO A 225 -6.15 4.66 3.24
CA PRO A 225 -7.15 4.18 4.19
C PRO A 225 -8.06 5.25 4.81
N PHE A 226 -7.71 6.53 4.68
CA PHE A 226 -8.57 7.62 5.17
C PHE A 226 -9.42 8.21 4.05
N GLY A 227 -9.26 7.71 2.84
CA GLY A 227 -10.00 8.22 1.72
C GLY A 227 -9.93 9.73 1.71
N THR A 228 -11.11 10.37 1.56
CA THR A 228 -11.24 11.83 1.57
C THR A 228 -11.70 12.31 2.92
N MET A 229 -11.55 11.50 3.95
CA MET A 229 -12.01 11.92 5.25
C MET A 229 -11.15 13.03 5.83
N VAL A 230 -9.84 12.90 5.64
CA VAL A 230 -8.88 13.86 6.22
C VAL A 230 -8.83 15.16 5.40
N PRO A 231 -8.61 16.32 6.07
CA PRO A 231 -8.63 17.63 5.39
C PRO A 231 -7.68 17.79 4.21
N SER A 232 -6.54 17.12 4.20
CA SER A 232 -5.65 17.26 3.06
C SER A 232 -6.30 16.83 1.72
N ARG A 233 -7.22 15.87 1.77
CA ARG A 233 -7.89 15.37 0.55
C ARG A 233 -9.38 15.75 0.45
N ALA A 234 -9.95 16.42 1.46
CA ALA A 234 -11.41 16.71 1.50
C ALA A 234 -11.87 17.85 0.54
N THR A 235 -11.88 17.58 -0.76
CA THR A 235 -12.34 18.56 -1.78
C THR A 235 -13.86 18.53 -1.82
N LEU A 236 -14.49 19.69 -2.06
CA LEU A 236 -15.93 19.80 -1.81
C LEU A 236 -16.74 18.85 -2.69
N ASN A 237 -17.86 18.42 -2.10
CA ASN A 237 -18.71 17.33 -2.63
C ASN A 237 -18.09 15.92 -2.60
N SER A 238 -16.91 15.76 -1.99
CA SER A 238 -16.43 14.44 -1.62
C SER A 238 -17.30 14.00 -0.43
N PRO A 239 -17.49 12.70 -0.27
CA PRO A 239 -18.57 12.28 0.63
C PRO A 239 -18.20 12.29 2.09
N GLU A 240 -19.21 12.28 2.96
CA GLU A 240 -19.00 11.94 4.36
C GLU A 240 -18.45 10.49 4.50
N PRO A 241 -17.74 10.19 5.58
CA PRO A 241 -17.49 11.07 6.70
C PRO A 241 -16.30 11.99 6.56
N LYS A 242 -16.49 13.22 7.10
CA LYS A 242 -15.39 14.16 7.40
C LYS A 242 -15.06 14.00 8.84
N LEU A 243 -14.02 14.66 9.34
CA LEU A 243 -13.54 14.41 10.74
C LEU A 243 -14.52 14.82 11.83
N ASP A 244 -15.38 15.79 11.51
CA ASP A 244 -16.47 16.26 12.40
C ASP A 244 -17.75 15.35 12.38
N ASN A 245 -17.78 14.28 11.58
CA ASN A 245 -18.99 13.45 11.46
C ASN A 245 -19.53 12.97 12.80
N PRO A 246 -20.78 13.41 13.12
CA PRO A 246 -21.36 13.06 14.40
C PRO A 246 -21.39 11.56 14.71
N ALA A 247 -21.74 10.72 13.71
CA ALA A 247 -21.77 9.25 13.96
C ALA A 247 -20.36 8.69 14.23
N MET A 248 -19.36 9.21 13.52
CA MET A 248 -17.97 8.78 13.78
C MET A 248 -17.55 9.16 15.19
N LEU A 249 -17.75 10.44 15.52
CA LEU A 249 -17.43 10.95 16.89
C LEU A 249 -18.11 10.16 17.96
N ALA A 250 -19.34 9.78 17.69
CA ALA A 250 -20.13 9.01 18.65
C ALA A 250 -19.61 7.61 18.83
N ILE A 251 -19.28 6.97 17.70
CA ILE A 251 -18.59 5.67 17.81
C ILE A 251 -17.27 5.86 18.58
N GLY A 252 -16.55 6.94 18.26
CA GLY A 252 -15.35 7.35 19.02
C GLY A 252 -15.52 7.38 20.54
N ARG A 253 -16.42 8.25 21.01
CA ARG A 253 -16.67 8.37 22.46
C ARG A 253 -17.01 7.04 23.04
N LYS A 254 -17.76 6.22 22.34
CA LYS A 254 -18.15 4.94 22.90
C LYS A 254 -16.97 4.02 23.23
N TYR A 255 -15.95 3.96 22.38
CA TYR A 255 -14.80 3.04 22.66
C TYR A 255 -13.58 3.81 23.13
N GLY A 256 -13.64 5.14 23.09
CA GLY A 256 -12.59 5.96 23.68
C GLY A 256 -11.49 6.22 22.68
N LYS A 257 -11.87 6.60 21.47
CA LYS A 257 -10.96 6.65 20.34
C LYS A 257 -11.29 7.83 19.52
N THR A 258 -10.31 8.31 18.78
CA THR A 258 -10.57 9.31 17.75
C THR A 258 -11.23 8.71 16.49
N VAL A 259 -11.53 9.60 15.57
CA VAL A 259 -12.27 9.26 14.39
C VAL A 259 -11.37 8.50 13.41
N THR A 260 -10.14 8.97 13.25
CA THR A 260 -9.15 8.26 12.47
C THR A 260 -8.89 6.89 13.08
N GLN A 261 -8.88 6.80 14.38
CA GLN A 261 -8.64 5.49 15.00
C GLN A 261 -9.78 4.48 14.77
N VAL A 262 -11.00 5.01 14.71
CA VAL A 262 -12.12 4.20 14.40
C VAL A 262 -11.98 3.67 12.99
N ASN A 263 -11.70 4.56 12.05
CA ASN A 263 -11.40 4.21 10.66
C ASN A 263 -10.36 3.07 10.54
N LEU A 264 -9.19 3.19 11.17
CA LEU A 264 -8.16 2.15 11.03
C LEU A 264 -8.55 0.86 11.72
N GLY A 265 -9.16 0.99 12.89
CA GLY A 265 -9.61 -0.17 13.64
C GLY A 265 -10.68 -0.98 12.89
N TYR A 266 -11.51 -0.28 12.13
CA TYR A 266 -12.53 -0.91 11.28
C TYR A 266 -11.85 -1.80 10.20
N LEU A 267 -10.86 -1.24 9.54
CA LEU A 267 -10.06 -1.99 8.56
C LEU A 267 -9.36 -3.16 9.20
N TYR A 268 -8.77 -2.92 10.38
CA TYR A 268 -8.12 -3.99 11.11
C TYR A 268 -9.12 -5.10 11.32
N GLN A 269 -10.31 -4.71 11.73
CA GLN A 269 -11.33 -5.67 12.11
C GLN A 269 -11.91 -6.44 10.90
N ARG A 270 -11.87 -5.85 9.71
CA ARG A 270 -12.12 -6.59 8.49
C ARG A 270 -10.97 -7.54 8.09
N GLY A 271 -9.90 -7.66 8.88
CA GLY A 271 -8.70 -8.44 8.48
C GLY A 271 -7.85 -7.82 7.35
N ILE A 272 -7.92 -6.51 7.23
CA ILE A 272 -7.22 -5.74 6.21
C ILE A 272 -6.08 -4.95 6.87
N VAL A 273 -4.89 -5.05 6.26
CA VAL A 273 -3.69 -4.35 6.68
C VAL A 273 -3.85 -2.92 6.18
N SER A 274 -3.53 -1.92 7.02
CA SER A 274 -3.45 -0.49 6.62
C SER A 274 -2.05 0.06 6.54
N ILE A 275 -1.86 0.95 5.58
CA ILE A 275 -0.64 1.70 5.40
C ILE A 275 -0.96 3.22 5.31
N PRO A 276 -1.48 3.77 6.40
CA PRO A 276 -1.55 5.24 6.44
C PRO A 276 -0.19 5.96 6.27
N LYS A 277 -0.24 7.14 5.70
CA LYS A 277 0.90 8.00 5.61
C LYS A 277 0.71 9.21 6.52
N THR A 278 1.78 9.58 7.23
CA THR A 278 1.85 10.82 7.98
C THR A 278 3.31 11.23 8.19
N VAL A 279 3.56 12.54 8.26
CA VAL A 279 4.86 13.11 8.66
C VAL A 279 4.84 13.66 10.08
N THR A 280 3.84 13.28 10.87
CA THR A 280 3.58 13.91 12.17
C THR A 280 3.60 12.89 13.23
N LYS A 281 4.49 13.05 14.20
CA LYS A 281 4.75 11.98 15.13
C LYS A 281 3.55 11.61 15.99
N SER A 282 2.68 12.59 16.28
CA SER A 282 1.55 12.32 17.18
C SER A 282 0.53 11.42 16.43
N ARG A 283 0.42 11.63 15.14
CA ARG A 283 -0.38 10.77 14.26
C ARG A 283 0.21 9.37 14.10
N VAL A 284 1.54 9.30 14.03
CA VAL A 284 2.22 8.02 14.07
C VAL A 284 1.78 7.25 15.27
N LEU A 285 1.81 7.90 16.42
CA LEU A 285 1.46 7.23 17.70
C LEU A 285 -0.05 6.85 17.79
N GLU A 286 -0.86 7.85 17.43
CA GLU A 286 -2.34 7.73 17.41
C GLU A 286 -2.80 6.57 16.47
N ASN A 287 -2.35 6.63 15.21
CA ASN A 287 -2.60 5.53 14.21
C ASN A 287 -2.27 4.14 14.69
N ALA A 288 -1.34 4.00 15.61
CA ALA A 288 -1.00 2.65 16.11
C ALA A 288 -1.78 2.16 17.30
N SER A 289 -2.61 3.03 17.88
CA SER A 289 -3.34 2.69 19.11
C SER A 289 -4.78 2.28 18.76
N ILE A 290 -4.89 1.18 18.00
CA ILE A 290 -6.12 0.77 17.32
C ILE A 290 -6.45 -0.72 17.43
N PHE A 291 -5.74 -1.46 18.28
CA PHE A 291 -5.83 -2.91 18.36
C PHE A 291 -6.52 -3.43 19.63
N ASP A 292 -6.96 -2.51 20.48
CA ASP A 292 -7.53 -2.84 21.78
C ASP A 292 -9.06 -2.63 21.89
N PHE A 293 -9.78 -2.64 20.78
CA PHE A 293 -11.23 -2.49 20.86
C PHE A 293 -11.92 -3.28 19.76
N GLN A 294 -13.05 -3.88 20.11
CA GLN A 294 -13.90 -4.63 19.20
C GLN A 294 -15.11 -3.75 18.91
N LEU A 295 -15.35 -3.41 17.63
CA LEU A 295 -16.53 -2.64 17.25
C LEU A 295 -17.67 -3.61 17.23
N ASP A 296 -18.83 -3.20 17.77
CA ASP A 296 -19.95 -4.16 17.87
C ASP A 296 -20.80 -4.11 16.57
N ASP A 297 -21.77 -5.00 16.48
CA ASP A 297 -22.53 -5.24 15.26
C ASP A 297 -23.17 -3.96 14.79
N GLU A 298 -23.72 -3.19 15.72
CA GLU A 298 -24.36 -1.90 15.46
C GLU A 298 -23.42 -0.88 14.85
N ASP A 299 -22.22 -0.75 15.42
CA ASP A 299 -21.28 0.26 14.92
C ASP A 299 -20.64 -0.14 13.57
N VAL A 300 -20.49 -1.44 13.38
CA VAL A 300 -20.09 -2.01 12.11
C VAL A 300 -21.12 -1.72 11.06
N ALA A 301 -22.39 -1.86 11.40
CA ALA A 301 -23.42 -1.60 10.43
C ALA A 301 -23.43 -0.13 10.05
N THR A 302 -23.26 0.74 11.03
CA THR A 302 -23.18 2.20 10.74
C THR A 302 -22.02 2.55 9.82
N LEU A 303 -20.88 1.95 10.15
CA LEU A 303 -19.68 2.23 9.37
C LEU A 303 -19.79 1.72 7.95
N ALA A 304 -20.41 0.55 7.78
CA ALA A 304 -20.71 0.02 6.45
C ALA A 304 -21.60 0.92 5.64
N GLN A 305 -22.42 1.77 6.29
CA GLN A 305 -23.33 2.65 5.51
C GLN A 305 -22.59 3.71 4.78
N PHE A 306 -21.34 3.98 5.16
CA PHE A 306 -20.55 5.01 4.40
C PHE A 306 -20.10 4.56 3.02
N ASP A 307 -20.15 3.26 2.75
CA ASP A 307 -19.69 2.72 1.45
C ASP A 307 -20.57 3.17 0.30
N ASN A 308 -19.99 3.81 -0.72
CA ASN A 308 -20.74 4.36 -1.86
C ASN A 308 -19.99 4.38 -3.22
N GLY A 309 -18.89 3.61 -3.33
CA GLY A 309 -18.12 3.49 -4.56
C GLY A 309 -17.25 4.69 -4.93
N PHE A 310 -17.16 5.71 -4.07
CA PHE A 310 -16.30 6.84 -4.32
C PHE A 310 -14.80 6.45 -4.12
N ARG A 311 -14.07 6.44 -5.21
CA ARG A 311 -12.66 6.12 -5.29
C ARG A 311 -11.77 7.36 -5.12
N THR A 312 -11.02 7.43 -4.01
CA THR A 312 -10.09 8.54 -3.83
C THR A 312 -8.97 8.61 -4.91
N VAL A 313 -8.51 7.47 -5.43
CA VAL A 313 -7.33 7.42 -6.33
C VAL A 313 -7.75 6.80 -7.68
N ARG A 314 -8.00 7.65 -8.66
CA ARG A 314 -8.54 7.21 -9.94
C ARG A 314 -7.77 7.98 -10.98
N PRO A 315 -6.68 7.39 -11.49
CA PRO A 315 -5.80 8.07 -12.40
C PRO A 315 -6.33 7.96 -13.83
N LEU A 316 -7.08 9.00 -14.23
CA LEU A 316 -7.85 8.96 -15.48
C LEU A 316 -6.96 8.87 -16.69
N PHE A 317 -5.78 9.49 -16.62
CA PHE A 317 -4.71 9.27 -17.65
C PHE A 317 -4.32 7.84 -17.99
N TRP A 318 -4.62 6.86 -17.11
CA TRP A 318 -4.34 5.48 -17.46
C TRP A 318 -5.50 4.70 -18.04
N GLN A 319 -6.69 5.31 -18.10
CA GLN A 319 -7.90 4.61 -18.72
C GLN A 319 -7.73 3.92 -20.04
N PRO A 320 -7.02 4.58 -20.97
CA PRO A 320 -6.87 3.93 -22.29
C PRO A 320 -5.91 2.76 -22.34
N TYR A 321 -5.20 2.43 -21.25
CA TYR A 321 -4.15 1.39 -21.38
C TYR A 321 -4.75 0.02 -21.17
N GLU A 322 -4.31 -0.96 -21.90
CA GLU A 322 -4.69 -2.32 -21.56
C GLU A 322 -4.41 -2.63 -20.05
N ASN A 323 -5.31 -3.39 -19.41
CA ASN A 323 -5.24 -3.75 -17.96
C ASN A 323 -5.47 -2.66 -16.96
N TYR A 324 -5.85 -1.47 -17.41
CA TYR A 324 -6.36 -0.49 -16.50
C TYR A 324 -7.46 -1.18 -15.69
N PRO A 325 -7.36 -1.08 -14.33
CA PRO A 325 -8.13 -2.03 -13.51
C PRO A 325 -9.51 -1.54 -13.17
N PHE A 326 -9.70 -0.24 -13.16
CA PHE A 326 -10.97 0.36 -12.71
C PHE A 326 -11.96 0.59 -13.89
N ASP A 327 -13.22 0.87 -13.55
CA ASP A 327 -14.28 1.18 -14.51
C ASP A 327 -13.95 2.44 -15.24
N VAL A 328 -14.16 2.40 -16.55
CA VAL A 328 -13.77 3.50 -17.43
C VAL A 328 -14.94 4.48 -17.53
N VAL A 329 -14.67 5.76 -17.37
CA VAL A 329 -15.63 6.82 -17.55
C VAL A 329 -15.48 7.25 -19.00
N PRO A 330 -16.51 7.02 -19.85
CA PRO A 330 -16.27 7.33 -21.27
C PRO A 330 -16.19 8.82 -21.57
N GLY A 331 -15.47 9.15 -22.64
CA GLY A 331 -15.31 10.51 -23.16
C GLY A 331 -14.26 11.41 -22.53
N GLN A 332 -13.06 10.90 -22.31
CA GLN A 332 -12.06 11.69 -21.56
C GLN A 332 -11.12 12.47 -22.46
N ASP A 336 -2.97 12.85 -21.99
CA ASP A 336 -1.51 12.85 -21.75
C ASP A 336 -1.12 12.54 -20.29
N ILE A 337 -0.34 11.47 -20.10
CA ILE A 337 0.15 11.08 -18.77
C ILE A 337 1.18 12.12 -18.32
N PRO A 338 0.98 12.78 -17.15
CA PRO A 338 2.04 13.73 -16.72
C PRO A 338 3.43 13.08 -16.62
N ILE A 339 4.47 13.89 -16.88
CA ILE A 339 5.86 13.41 -16.83
C ILE A 339 6.26 12.79 -15.47
N ALA A 340 5.81 13.38 -14.36
CA ALA A 340 6.11 12.85 -13.01
C ALA A 340 5.58 11.41 -12.72
N MET A 341 4.68 10.86 -13.57
CA MET A 341 4.20 9.48 -13.53
C MET A 341 4.90 8.57 -14.54
N ARG A 342 6.00 9.05 -15.13
CA ARG A 342 6.77 8.27 -16.14
C ARG A 342 8.33 8.31 -16.01
N LYS A 343 8.88 9.46 -15.59
CA LYS A 343 10.34 9.75 -15.55
C LYS A 343 10.63 10.59 -14.31
N TRP A 344 11.67 10.20 -13.56
CA TRP A 344 12.05 10.90 -12.30
C TRP A 344 13.50 10.48 -11.86
N LYS A 345 14.13 11.23 -10.92
CA LYS A 345 15.39 10.78 -10.28
C LYS A 345 15.17 10.49 -8.77
N ASN A 346 15.99 9.56 -8.23
CA ASN A 346 15.90 9.04 -6.82
C ASN A 346 17.01 9.49 -5.85
N GLY A 347 16.63 9.92 -4.65
CA GLY A 347 17.57 10.61 -3.74
C GLY A 347 17.84 12.03 -4.21
CA CA B . 18.42 -7.45 4.00
C1 EDO C . -18.60 -3.98 3.78
O1 EDO C . -19.15 -2.72 3.35
C2 EDO C . -19.48 -5.16 3.36
O2 EDO C . -18.76 -6.44 3.39
C ACT D . -9.47 -2.36 -7.65
O ACT D . -9.50 -1.30 -6.90
OXT ACT D . -8.39 -3.03 -7.87
CH3 ACT D . -10.76 -2.84 -8.30
C ACT E . -5.96 -12.55 6.13
O ACT E . -6.48 -12.08 5.06
OXT ACT E . -5.40 -13.69 6.11
CH3 ACT E . -6.04 -11.70 7.42
C ACT F . -14.49 8.58 -8.02
O ACT F . -15.35 7.67 -7.90
OXT ACT F . -13.41 8.52 -8.65
CH3 ACT F . -14.72 9.86 -7.33
C ACT G . 11.07 -6.51 17.71
O ACT G . 10.35 -6.44 16.69
OXT ACT G . 11.61 -5.49 18.18
CH3 ACT G . 11.33 -7.79 18.42
C ACT H . -8.28 -9.82 -17.08
O ACT H . -9.00 -8.81 -16.98
OXT ACT H . -7.03 -9.72 -17.19
CH3 ACT H . -9.01 -11.11 -17.07
C ACT I . -17.89 -3.94 -3.42
O ACT I . -18.10 -5.14 -3.68
OXT ACT I . -16.97 -3.38 -4.00
CH3 ACT I . -18.69 -3.16 -2.40
PA NDP J . -3.65 8.32 3.61
O1A NDP J . -5.11 7.86 3.55
O2A NDP J . -2.64 7.59 4.42
O5B NDP J . -3.74 9.83 4.25
C5B NDP J . -2.65 10.73 4.21
C4B NDP J . -3.04 12.02 4.92
O4B NDP J . -3.65 11.77 6.20
C3B NDP J . -1.82 12.94 5.16
O3B NDP J . -2.04 14.19 4.52
C2B NDP J . -1.69 13.02 6.68
O2B NDP J . -1.20 14.27 7.19
C1B NDP J . -3.08 12.67 7.17
N9A NDP J . -3.13 11.91 8.41
C8A NDP J . -2.48 10.75 8.69
N7A NDP J . -2.78 10.30 9.91
C5A NDP J . -3.68 11.17 10.42
C6A NDP J . -4.41 11.26 11.69
N6A NDP J . -4.20 10.29 12.61
N1A NDP J . -5.25 12.36 11.84
C2A NDP J . -5.43 13.30 10.89
N3A NDP J . -4.79 13.27 9.69
C4A NDP J . -3.92 12.24 9.43
O3 NDP J . -3.19 8.64 2.10
PN NDP J . -2.02 7.93 1.28
O1N NDP J . -2.63 7.62 -0.05
O2N NDP J . -0.74 8.76 1.36
O5D NDP J . -1.72 6.61 2.20
C5D NDP J . -1.26 5.46 1.64
C4D NDP J . 0.22 5.10 1.55
O4D NDP J . 0.02 3.88 0.78
C3D NDP J . 1.27 5.84 0.72
O3D NDP J . 2.18 6.51 1.55
C2D NDP J . 1.98 4.70 0.00
O2D NDP J . 2.88 4.05 0.93
C1D NDP J . 0.80 3.80 -0.40
N1N NDP J . 0.02 4.10 -1.69
C2N NDP J . 0.04 3.11 -2.65
C3N NDP J . -0.59 3.21 -3.90
C7N NDP J . -0.51 2.07 -4.89
O7N NDP J . -0.83 2.33 -6.06
N7N NDP J . -0.10 0.80 -4.51
C4N NDP J . -1.31 4.50 -4.30
C5N NDP J . -1.30 5.49 -3.20
C6N NDP J . -0.67 5.24 -1.98
P2B NDP J . 0.35 14.55 7.55
O1X NDP J . 1.26 13.74 6.59
O2X NDP J . 0.46 16.00 7.16
O3X NDP J . 0.39 14.09 8.98
#